data_2IZV
#
_entry.id   2IZV
#
_cell.length_a   154.770
_cell.length_b   154.770
_cell.length_c   67.909
_cell.angle_alpha   90.00
_cell.angle_beta   90.00
_cell.angle_gamma   120.00
#
_symmetry.space_group_name_H-M   'H 3'
#
loop_
_entity.id
_entity.type
_entity.pdbx_description
1 polymer 'SUPPRESSOR OF CYTOKINE SIGNALING 4'
2 polymer 'TRANSCRIPTION ELONGATION FACTOR B POLYPEPTIDE 2'
3 polymer 'TRANSCRIPTION ELONGATION FACTOR B POLYPEPTIDE 1'
4 non-polymer 'SODIUM ION'
5 non-polymer 1,2-ETHANEDIOL
6 non-polymer 'CHLORIDE ION'
7 water water
#
loop_
_entity_poly.entity_id
_entity_poly.type
_entity_poly.pdbx_seq_one_letter_code
_entity_poly.pdbx_strand_id
1 'polypeptide(L)'
;MHHHHHHSSGVDLGTENLYFQSMLVPDLLQINNNPCYWGVMDKYAAEALLEGKPEGTFLLRDSAQEDYLFSVSFRRYSRS
LHARIEQWNHNFSFDAHDPCVFHSPDITGLLEHYKDPSACMFFEPLLSTPLIRTFPFSLQHICRTVICNCTTYDGIDALP
IPSSMKLYLKEYHYKSKVRVLRIDAPE
;
A
2 'polypeptide(L)'
;MDVFLMIRRHKTTIFTDAKESSTVFELKRIVEGILKRPPDEQRLYKDDQLLDDGKTLGECGFTSQTARPQAPATVGLAFR
ADDTFEALCIEPFSSPPELPDVMKPQDSGSSANEQAVQ
;
B
3 'polypeptide(L)'
;MMYVKLISSDGHEFIVKREHALTSGTIKAMLSGPGQFAENETNEVNFREIPSHVLSKVCMYFTYKVRYTNSSTEIPEFPI
APEIALELLMAANFLDC
;
C
#
# COMPACT_ATOMS: atom_id res chain seq x y z
N ASN A 17 8.12 24.41 28.63
CA ASN A 17 8.20 23.08 29.31
C ASN A 17 9.47 22.38 29.78
N LEU A 18 9.42 21.79 30.96
CA LEU A 18 10.48 20.89 31.44
C LEU A 18 10.10 19.41 31.20
N TYR A 19 9.25 19.18 30.23
CA TYR A 19 8.85 17.83 29.88
C TYR A 19 8.42 17.88 28.45
N PHE A 20 8.13 16.73 27.86
CA PHE A 20 7.67 16.75 26.49
C PHE A 20 6.52 15.85 26.25
N GLN A 21 5.74 16.23 25.24
CA GLN A 21 4.54 15.50 24.85
C GLN A 21 4.79 14.90 23.48
N SER A 22 4.46 13.63 23.34
CA SER A 22 4.67 12.96 22.10
C SER A 22 3.44 13.17 21.26
N MET A 23 3.69 13.33 19.96
CA MET A 23 2.73 13.86 19.01
C MET A 23 2.99 13.23 17.69
N LEU A 24 1.96 12.70 17.02
CA LEU A 24 2.15 12.11 15.69
C LEU A 24 2.45 13.19 14.63
N VAL A 25 3.45 12.96 13.78
CA VAL A 25 3.67 13.80 12.58
C VAL A 25 2.31 13.93 11.88
N PRO A 26 1.80 15.16 11.72
CA PRO A 26 0.39 15.33 11.31
C PRO A 26 0.14 14.90 9.85
N ASP A 27 1.22 14.97 9.08
CA ASP A 27 1.25 14.90 7.65
C ASP A 27 1.56 13.47 7.15
N LEU A 28 1.63 12.49 8.06
CA LEU A 28 2.30 11.20 7.80
C LEU A 28 1.80 10.40 6.59
N LEU A 29 0.48 10.41 6.38
CA LEU A 29 -0.09 9.69 5.24
C LEU A 29 0.22 10.44 3.93
N GLN A 30 0.05 11.76 3.89
CA GLN A 30 0.49 12.53 2.72
C GLN A 30 1.95 12.24 2.37
N ILE A 31 2.84 12.33 3.34
CA ILE A 31 4.26 12.02 3.11
C ILE A 31 4.46 10.66 2.49
N ASN A 32 3.76 9.65 3.02
CA ASN A 32 3.88 8.29 2.50
C ASN A 32 3.19 8.09 1.13
N ASN A 33 2.27 8.98 0.77
CA ASN A 33 1.73 9.02 -0.60
C ASN A 33 2.58 9.86 -1.54
N ASN A 34 3.63 10.51 -1.02
CA ASN A 34 4.49 11.34 -1.84
C ASN A 34 5.63 10.50 -2.40
N PRO A 35 5.74 10.40 -3.73
CA PRO A 35 6.70 9.47 -4.30
C PRO A 35 8.15 9.90 -4.13
N CYS A 36 8.40 11.13 -3.69
CA CYS A 36 9.76 11.54 -3.42
C CYS A 36 10.30 10.96 -2.09
N TYR A 37 9.45 10.29 -1.31
CA TYR A 37 9.82 9.76 0.01
C TYR A 37 10.24 8.29 -0.05
N TRP A 38 11.44 7.99 0.45
CA TRP A 38 12.05 6.64 0.34
C TRP A 38 12.11 5.82 1.62
N GLY A 39 11.63 6.35 2.73
CA GLY A 39 11.61 5.59 3.97
C GLY A 39 13.00 5.43 4.57
N VAL A 40 13.23 4.28 5.22
CA VAL A 40 14.45 4.05 5.98
C VAL A 40 15.57 3.93 4.97
N MET A 41 16.51 4.87 5.05
CA MET A 41 17.64 4.92 4.14
C MET A 41 18.70 5.82 4.80
N ASP A 42 19.97 5.42 4.76
CA ASP A 42 21.03 6.26 5.30
C ASP A 42 21.59 7.24 4.25
N LYS A 43 22.47 8.14 4.69
CA LYS A 43 22.96 9.20 3.79
C LYS A 43 23.86 8.66 2.69
N TYR A 44 24.48 7.52 2.93
CA TYR A 44 25.34 6.88 1.93
C TYR A 44 24.54 6.32 0.78
N ALA A 45 23.38 5.75 1.10
CA ALA A 45 22.45 5.21 0.09
C ALA A 45 21.77 6.34 -0.72
N ALA A 46 21.47 7.45 -0.05
CA ALA A 46 20.97 8.64 -0.74
C ALA A 46 22.00 9.19 -1.72
N GLU A 47 23.25 9.19 -1.28
CA GLU A 47 24.35 9.68 -2.08
C GLU A 47 24.57 8.81 -3.31
N ALA A 48 24.34 7.51 -3.17
CA ALA A 48 24.45 6.58 -4.28
C ALA A 48 23.33 6.90 -5.30
N LEU A 49 22.10 7.06 -4.81
CA LEU A 49 20.98 7.40 -5.72
C LEU A 49 21.18 8.72 -6.43
N LEU A 50 21.72 9.71 -5.72
CA LEU A 50 21.89 11.07 -6.23
C LEU A 50 23.17 11.34 -6.99
N GLU A 51 24.10 10.40 -6.94
CA GLU A 51 25.39 10.50 -7.64
C GLU A 51 25.27 11.07 -9.07
N GLY A 52 26.05 12.12 -9.34
CA GLY A 52 26.11 12.72 -10.67
C GLY A 52 24.92 13.57 -11.08
N LYS A 53 23.90 13.68 -10.25
CA LYS A 53 22.63 14.18 -10.76
C LYS A 53 22.54 15.71 -10.73
N PRO A 54 21.68 16.26 -11.59
CA PRO A 54 21.60 17.70 -11.76
C PRO A 54 21.06 18.47 -10.57
N GLU A 55 21.54 19.71 -10.46
CA GLU A 55 21.18 20.66 -9.41
C GLU A 55 19.72 20.53 -9.07
N GLY A 56 19.40 20.28 -7.82
CA GLY A 56 18.01 20.33 -7.34
C GLY A 56 17.27 18.99 -7.30
N THR A 57 17.92 17.94 -7.80
CA THR A 57 17.39 16.59 -7.71
C THR A 57 17.41 16.22 -6.22
N PHE A 58 16.30 15.72 -5.68
CA PHE A 58 16.20 15.50 -4.24
C PHE A 58 15.35 14.28 -3.85
N LEU A 59 15.49 13.87 -2.59
CA LEU A 59 14.58 12.90 -1.94
C LEU A 59 14.36 13.20 -0.44
N LEU A 60 13.22 12.72 0.08
CA LEU A 60 12.93 12.73 1.50
C LEU A 60 13.15 11.31 1.99
N ARG A 61 13.75 11.18 3.17
CA ARG A 61 13.95 9.88 3.77
C ARG A 61 13.92 9.98 5.26
N ASP A 62 13.93 8.86 5.94
CA ASP A 62 14.09 8.89 7.38
C ASP A 62 15.56 9.23 7.74
N SER A 63 15.78 10.11 8.69
CA SER A 63 17.11 10.35 9.22
C SER A 63 17.52 9.22 10.15
N ALA A 64 18.76 8.78 10.02
CA ALA A 64 19.32 7.75 10.87
C ALA A 64 19.71 8.30 12.25
N GLN A 65 19.75 9.63 12.41
CA GLN A 65 19.93 10.27 13.72
C GLN A 65 18.68 10.00 14.57
N GLU A 66 18.90 9.77 15.87
CA GLU A 66 17.86 9.37 16.82
C GLU A 66 16.84 10.47 17.10
N ASP A 67 17.29 11.72 17.11
CA ASP A 67 16.41 12.83 17.45
C ASP A 67 15.68 13.47 16.27
N TYR A 68 15.83 12.91 15.08
CA TYR A 68 15.13 13.49 13.92
C TYR A 68 14.48 12.39 13.15
N LEU A 69 13.26 12.65 12.71
CA LEU A 69 12.52 11.69 11.94
C LEU A 69 12.98 11.65 10.49
N PHE A 70 13.19 12.82 9.89
CA PHE A 70 13.34 12.93 8.45
C PHE A 70 14.50 13.78 8.04
N SER A 71 15.07 13.48 6.86
CA SER A 71 16.03 14.38 6.20
C SER A 71 15.73 14.46 4.74
N VAL A 72 16.15 15.57 4.13
CA VAL A 72 16.22 15.62 2.67
C VAL A 72 17.66 15.46 2.20
N SER A 73 17.80 14.83 1.04
CA SER A 73 19.09 14.72 0.40
C SER A 73 18.91 15.32 -0.97
N PHE A 74 19.81 16.20 -1.34
CA PHE A 74 19.63 16.93 -2.58
C PHE A 74 20.95 17.34 -3.21
N ARG A 75 20.85 17.81 -4.43
CA ARG A 75 21.98 18.11 -5.24
C ARG A 75 22.12 19.61 -5.43
N ARG A 76 23.31 20.12 -5.22
CA ARG A 76 23.63 21.53 -5.43
C ARG A 76 25.13 21.77 -5.40
N TYR A 77 25.60 22.67 -6.25
CA TYR A 77 27.04 22.97 -6.39
C TYR A 77 27.86 21.74 -6.75
N SER A 78 27.25 20.79 -7.46
CA SER A 78 27.87 19.49 -7.78
C SER A 78 28.24 18.66 -6.55
N ARG A 79 27.45 18.76 -5.48
CA ARG A 79 27.67 17.96 -4.26
C ARG A 79 26.37 17.37 -3.78
N SER A 80 26.43 16.21 -3.14
CA SER A 80 25.26 15.58 -2.55
C SER A 80 25.23 16.08 -1.14
N LEU A 81 24.20 16.85 -0.80
CA LEU A 81 24.09 17.57 0.48
C LEU A 81 22.86 17.06 1.26
N HIS A 82 22.83 17.26 2.57
CA HIS A 82 21.75 16.74 3.38
C HIS A 82 21.23 17.82 4.31
N ALA A 83 19.98 17.70 4.72
CA ALA A 83 19.35 18.68 5.60
C ALA A 83 18.34 17.96 6.49
N ARG A 84 18.64 17.91 7.78
CA ARG A 84 17.71 17.33 8.71
C ARG A 84 16.54 18.29 8.96
N ILE A 85 15.35 17.71 9.04
CA ILE A 85 14.17 18.44 9.41
C ILE A 85 13.99 18.48 10.93
N GLU A 86 13.88 19.70 11.47
CA GLU A 86 13.73 19.99 12.88
C GLU A 86 12.27 20.38 13.15
N GLN A 87 11.82 20.28 14.40
CA GLN A 87 10.54 20.83 14.75
C GLN A 87 10.61 21.69 15.99
N TRP A 88 9.70 22.64 16.08
CA TRP A 88 9.49 23.43 17.28
C TRP A 88 8.19 24.20 17.16
N ASN A 89 7.41 24.19 18.24
CA ASN A 89 6.09 24.83 18.29
C ASN A 89 5.13 24.33 17.20
N HIS A 90 5.23 23.02 16.94
CA HIS A 90 4.34 22.32 16.02
C HIS A 90 4.58 22.67 14.58
N ASN A 91 5.70 23.35 14.30
CA ASN A 91 6.10 23.62 12.92
C ASN A 91 7.38 22.86 12.63
N PHE A 92 7.63 22.63 11.33
CA PHE A 92 8.85 21.99 10.87
C PHE A 92 9.67 22.94 10.01
N SER A 93 11.00 22.86 10.17
CA SER A 93 11.91 23.63 9.36
C SER A 93 13.29 23.02 9.40
N PHE A 94 14.20 23.59 8.62
CA PHE A 94 15.60 23.21 8.65
C PHE A 94 16.42 24.00 9.69
N ASP A 95 15.83 25.04 10.29
CA ASP A 95 16.30 25.60 11.59
C ASP A 95 15.12 26.01 12.49
N ALA A 96 14.84 25.14 13.46
CA ALA A 96 13.62 25.25 14.25
C ALA A 96 13.70 26.42 15.22
N HIS A 97 14.93 26.74 15.67
CA HIS A 97 15.13 27.76 16.69
C HIS A 97 15.45 29.14 16.15
N ASP A 98 15.53 29.28 14.83
CA ASP A 98 15.70 30.60 14.21
C ASP A 98 14.39 30.94 13.48
N PRO A 99 13.59 31.86 14.04
CA PRO A 99 12.26 32.09 13.47
C PRO A 99 12.27 32.97 12.21
N CYS A 100 13.44 33.48 11.80
CA CYS A 100 13.60 34.08 10.47
C CYS A 100 13.50 33.05 9.37
N VAL A 101 14.02 31.86 9.66
CA VAL A 101 13.99 30.78 8.70
C VAL A 101 12.54 30.27 8.58
N PHE A 102 12.15 29.97 7.35
CA PHE A 102 10.79 29.53 7.03
C PHE A 102 10.40 28.22 7.69
N HIS A 103 9.18 28.15 8.23
CA HIS A 103 8.62 26.93 8.83
C HIS A 103 7.18 26.67 8.39
N SER A 104 6.71 25.45 8.63
CA SER A 104 5.41 24.99 8.15
C SER A 104 4.82 24.04 9.17
N PRO A 105 3.49 24.02 9.28
CA PRO A 105 2.87 23.07 10.21
C PRO A 105 2.93 21.63 9.69
N ASP A 106 3.44 21.50 8.47
CA ASP A 106 3.46 20.26 7.69
C ASP A 106 4.88 19.98 7.19
N ILE A 107 5.23 18.71 7.02
CA ILE A 107 6.44 18.39 6.27
C ILE A 107 6.23 18.73 4.79
N THR A 108 5.04 18.44 4.27
CA THR A 108 4.77 18.66 2.85
C THR A 108 4.97 20.12 2.46
N GLY A 109 4.43 21.04 3.26
CA GLY A 109 4.58 22.48 2.99
C GLY A 109 6.01 23.00 3.09
N LEU A 110 6.86 22.31 3.84
CA LEU A 110 8.25 22.70 3.99
C LEU A 110 9.01 22.32 2.73
N LEU A 111 8.70 21.16 2.16
CA LEU A 111 9.29 20.80 0.87
C LEU A 111 8.76 21.77 -0.21
N GLU A 112 7.45 21.97 -0.26
CA GLU A 112 6.83 22.85 -1.25
C GLU A 112 7.44 24.24 -1.27
N HIS A 113 7.89 24.75 -0.13
CA HIS A 113 8.51 26.07 -0.10
C HIS A 113 9.83 26.16 -0.84
N TYR A 114 10.57 25.05 -0.91
CA TYR A 114 11.89 25.08 -1.50
C TYR A 114 11.87 24.46 -2.91
N LYS A 115 10.72 24.53 -3.56
CA LYS A 115 10.52 23.94 -4.90
C LYS A 115 11.10 24.81 -6.01
N ASP A 116 11.08 26.14 -5.84
CA ASP A 116 11.39 27.10 -6.91
C ASP A 116 12.85 27.58 -6.90
N PRO A 117 13.69 27.12 -7.87
CA PRO A 117 15.14 27.36 -7.86
C PRO A 117 15.57 28.82 -7.89
N SER A 118 14.94 29.63 -8.74
CA SER A 118 15.28 31.05 -8.80
C SER A 118 14.81 31.84 -7.55
N ALA A 119 14.07 31.16 -6.65
CA ALA A 119 13.69 31.72 -5.34
C ALA A 119 14.25 30.90 -4.17
N CYS A 120 15.42 30.28 -4.37
CA CYS A 120 16.22 29.61 -3.30
C CYS A 120 17.56 30.33 -3.09
N MET A 121 17.88 30.63 -1.84
CA MET A 121 19.10 31.34 -1.51
C MET A 121 20.22 30.31 -1.37
N PHE A 122 21.46 30.74 -1.52
CA PHE A 122 22.59 29.81 -1.51
C PHE A 122 22.66 28.91 -0.27
N PHE A 123 22.27 29.41 0.88
CA PHE A 123 22.30 28.64 2.13
C PHE A 123 21.05 27.78 2.41
N GLU A 124 20.14 27.72 1.45
CA GLU A 124 18.89 26.98 1.57
C GLU A 124 18.95 25.76 0.68
N PRO A 125 18.27 24.66 1.05
CA PRO A 125 18.12 23.51 0.18
C PRO A 125 17.41 23.87 -1.10
N LEU A 126 17.65 23.09 -2.15
CA LEU A 126 16.98 23.28 -3.44
C LEU A 126 16.34 21.95 -3.81
N LEU A 127 15.00 21.91 -3.77
CA LEU A 127 14.27 20.65 -3.88
C LEU A 127 13.29 20.71 -5.03
N SER A 128 13.84 20.77 -6.24
CA SER A 128 13.06 21.04 -7.45
C SER A 128 12.71 19.83 -8.34
N THR A 129 13.44 18.72 -8.24
CA THR A 129 13.14 17.52 -9.07
C THR A 129 13.19 16.27 -8.18
N PRO A 130 12.03 15.73 -7.81
CA PRO A 130 12.01 14.60 -6.92
C PRO A 130 12.51 13.32 -7.59
N LEU A 131 13.32 12.53 -6.87
CA LEU A 131 13.72 11.21 -7.31
C LEU A 131 12.65 10.26 -6.80
N ILE A 132 12.12 9.43 -7.70
CA ILE A 132 10.87 8.73 -7.44
C ILE A 132 11.13 7.30 -6.91
N ARG A 133 10.54 6.96 -5.77
CA ARG A 133 10.69 5.63 -5.18
C ARG A 133 10.20 4.52 -6.12
N THR A 134 11.02 3.50 -6.30
CA THR A 134 10.78 2.47 -7.27
C THR A 134 10.36 1.11 -6.65
N PHE A 135 10.09 1.09 -5.35
CA PHE A 135 9.53 -0.09 -4.70
C PHE A 135 8.42 0.26 -3.74
N PRO A 136 7.54 -0.71 -3.48
CA PRO A 136 6.43 -0.43 -2.59
C PRO A 136 6.79 -0.74 -1.14
N PHE A 137 6.22 -0.02 -0.21
CA PHE A 137 6.49 -0.34 1.18
C PHE A 137 5.75 -1.60 1.60
N SER A 138 6.02 -2.04 2.82
CA SER A 138 5.36 -3.19 3.41
C SER A 138 3.89 -2.89 3.76
N LEU A 139 3.08 -3.93 3.67
CA LEU A 139 1.67 -3.84 4.04
C LEU A 139 1.55 -3.36 5.49
N GLN A 140 2.44 -3.80 6.37
CA GLN A 140 2.34 -3.36 7.77
C GLN A 140 2.54 -1.87 7.86
N HIS A 141 3.57 -1.37 7.19
CA HIS A 141 3.80 0.06 7.20
C HIS A 141 2.61 0.83 6.62
N ILE A 142 2.00 0.31 5.57
CA ILE A 142 0.93 1.06 4.93
C ILE A 142 -0.31 1.20 5.84
N CYS A 143 -0.66 0.13 6.54
CA CYS A 143 -1.70 0.17 7.55
C CYS A 143 -1.39 1.18 8.64
N ARG A 144 -0.18 1.18 9.13
CA ARG A 144 0.23 2.13 10.13
C ARG A 144 -0.08 3.56 9.69
N THR A 145 0.24 3.88 8.45
CA THR A 145 0.12 5.27 8.00
C THR A 145 -1.35 5.66 8.01
N VAL A 146 -2.21 4.72 7.60
CA VAL A 146 -3.66 4.93 7.64
C VAL A 146 -4.24 5.06 9.04
N ILE A 147 -3.80 4.20 9.96
CA ILE A 147 -4.26 4.23 11.35
C ILE A 147 -3.85 5.51 12.05
N CYS A 148 -2.57 5.85 11.91
CA CYS A 148 -2.05 7.09 12.48
C CYS A 148 -2.79 8.32 11.99
N ASN A 149 -3.28 8.27 10.75
CA ASN A 149 -3.97 9.38 10.14
C ASN A 149 -5.34 9.62 10.78
N CYS A 150 -5.97 8.56 11.33
CA CYS A 150 -7.30 8.62 11.99
C CYS A 150 -7.25 8.98 13.46
N THR A 151 -6.11 8.72 14.08
CA THR A 151 -5.97 8.68 15.54
C THR A 151 -4.97 9.74 15.98
N THR A 152 -4.78 9.88 17.28
CA THR A 152 -3.76 10.73 17.83
C THR A 152 -2.87 9.83 18.64
N TYR A 153 -1.77 10.41 19.15
CA TYR A 153 -0.77 9.63 19.90
C TYR A 153 -1.42 9.04 21.13
N ASP A 154 -2.13 9.84 21.93
CA ASP A 154 -2.76 9.26 23.14
C ASP A 154 -3.83 8.22 22.72
N GLY A 155 -4.51 8.46 21.62
CA GLY A 155 -5.49 7.52 21.11
C GLY A 155 -4.96 6.12 20.84
N ILE A 156 -3.67 6.01 20.49
CA ILE A 156 -3.08 4.71 20.18
C ILE A 156 -3.20 3.77 21.37
N ASP A 157 -3.10 4.30 22.59
CA ASP A 157 -3.14 3.47 23.81
C ASP A 157 -4.47 2.75 24.01
N ALA A 158 -5.56 3.37 23.58
CA ALA A 158 -6.89 2.75 23.68
C ALA A 158 -7.22 1.71 22.58
N LEU A 159 -6.29 1.43 21.66
CA LEU A 159 -6.57 0.45 20.60
C LEU A 159 -6.50 -1.00 21.10
N PRO A 160 -7.30 -1.90 20.51
CA PRO A 160 -7.30 -3.30 20.94
C PRO A 160 -6.21 -4.15 20.26
N ILE A 161 -4.95 -3.78 20.44
CA ILE A 161 -3.81 -4.49 19.82
C ILE A 161 -2.74 -4.68 20.89
N PRO A 162 -1.76 -5.58 20.67
CA PRO A 162 -0.72 -5.72 21.72
C PRO A 162 0.13 -4.46 21.83
N SER A 163 0.91 -4.32 22.88
CA SER A 163 1.70 -3.10 23.01
C SER A 163 2.95 -3.11 22.11
N SER A 164 3.43 -4.28 21.74
CA SER A 164 4.41 -4.34 20.67
C SER A 164 3.91 -3.54 19.44
N MET A 165 2.61 -3.59 19.16
CA MET A 165 2.07 -2.89 18.00
C MET A 165 1.78 -1.44 18.28
N LYS A 166 1.44 -1.15 19.52
CA LYS A 166 1.31 0.22 19.90
C LYS A 166 2.65 0.89 19.73
N LEU A 167 3.72 0.21 20.17
CA LEU A 167 5.10 0.70 19.97
C LEU A 167 5.39 1.07 18.50
N TYR A 168 4.90 0.23 17.59
CA TYR A 168 5.13 0.39 16.18
C TYR A 168 4.34 1.57 15.65
N LEU A 169 3.07 1.69 16.04
CA LEU A 169 2.27 2.83 15.53
C LEU A 169 2.79 4.16 16.02
N LYS A 170 3.52 4.17 17.14
CA LYS A 170 3.94 5.41 17.76
C LYS A 170 5.27 5.90 17.22
N GLU A 171 5.90 5.14 16.34
CA GLU A 171 7.24 5.47 15.86
C GLU A 171 7.41 6.89 15.29
N TYR A 172 6.48 7.32 14.42
CA TYR A 172 6.64 8.61 13.73
C TYR A 172 6.02 9.76 14.52
N HIS A 173 6.66 10.05 15.64
CA HIS A 173 6.22 11.14 16.48
C HIS A 173 7.35 12.13 16.68
N TYR A 174 6.98 13.32 17.14
CA TYR A 174 7.95 14.30 17.54
C TYR A 174 7.67 14.67 18.99
N LYS A 175 8.61 15.38 19.60
CA LYS A 175 8.60 15.65 21.03
C LYS A 175 8.23 17.13 21.21
N SER A 176 7.08 17.42 21.80
CA SER A 176 6.64 18.82 21.96
C SER A 176 6.94 19.34 23.36
N LYS A 177 7.74 20.41 23.45
CA LYS A 177 8.21 20.95 24.75
C LYS A 177 7.50 22.29 25.04
N VAL A 178 6.41 22.54 24.34
CA VAL A 178 5.79 23.86 24.33
C VAL A 178 4.31 23.73 24.77
N ARG A 179 3.79 24.80 25.39
CA ARG A 179 2.31 25.05 25.52
C ARG A 179 2.10 26.51 25.94
N MET B 1 -1.00 -4.42 -21.91
CA MET B 1 -1.76 -3.82 -20.77
C MET B 1 -2.32 -4.99 -20.00
N ASP B 2 -1.79 -5.21 -18.80
CA ASP B 2 -2.32 -6.25 -17.95
C ASP B 2 -3.50 -5.72 -17.18
N VAL B 3 -4.53 -6.54 -17.03
CA VAL B 3 -5.63 -6.22 -16.14
C VAL B 3 -5.75 -7.30 -15.06
N PHE B 4 -6.19 -6.87 -13.88
CA PHE B 4 -6.16 -7.68 -12.69
C PHE B 4 -7.55 -7.94 -12.20
N LEU B 5 -7.83 -9.22 -11.92
CA LEU B 5 -9.18 -9.71 -11.74
C LEU B 5 -9.31 -10.56 -10.52
N MET B 6 -10.52 -10.64 -10.00
CA MET B 6 -10.93 -11.63 -9.00
C MET B 6 -12.06 -12.40 -9.65
N ILE B 7 -11.87 -13.68 -9.92
CA ILE B 7 -12.95 -14.50 -10.48
C ILE B 7 -13.60 -15.20 -9.32
N ARG B 8 -14.93 -15.04 -9.19
CA ARG B 8 -15.59 -15.51 -7.98
C ARG B 8 -16.80 -16.37 -8.22
N ARG B 9 -16.88 -17.44 -7.43
CA ARG B 9 -17.95 -18.41 -7.41
C ARG B 9 -18.05 -19.04 -6.02
N HIS B 10 -19.24 -18.99 -5.42
CA HIS B 10 -19.49 -19.50 -4.07
C HIS B 10 -18.47 -18.92 -3.09
N LYS B 11 -17.66 -19.77 -2.44
CA LYS B 11 -16.65 -19.32 -1.49
C LYS B 11 -15.23 -19.44 -2.07
N THR B 12 -15.13 -19.19 -3.38
CA THR B 12 -13.87 -19.28 -4.11
C THR B 12 -13.59 -17.95 -4.80
N THR B 13 -12.37 -17.47 -4.69
CA THR B 13 -11.89 -16.34 -5.43
C THR B 13 -10.52 -16.63 -6.04
N ILE B 14 -10.41 -16.42 -7.35
CA ILE B 14 -9.16 -16.53 -8.08
C ILE B 14 -8.61 -15.15 -8.37
N PHE B 15 -7.39 -14.90 -7.92
CA PHE B 15 -6.66 -13.71 -8.27
C PHE B 15 -5.79 -14.05 -9.48
N THR B 16 -6.07 -13.37 -10.58
CA THR B 16 -5.30 -13.59 -11.76
C THR B 16 -5.34 -12.37 -12.62
N ASP B 17 -4.48 -12.38 -13.63
CA ASP B 17 -4.35 -11.29 -14.55
C ASP B 17 -4.32 -11.84 -15.98
N ALA B 18 -4.68 -10.98 -16.92
CA ALA B 18 -4.63 -11.31 -18.35
C ALA B 18 -4.45 -10.00 -19.16
N LYS B 19 -4.17 -10.09 -20.45
CA LYS B 19 -3.98 -8.86 -21.22
C LYS B 19 -5.36 -8.27 -21.49
N GLU B 20 -5.43 -6.95 -21.62
CA GLU B 20 -6.66 -6.26 -22.08
C GLU B 20 -7.23 -6.79 -23.43
N SER B 21 -6.33 -7.25 -24.29
CA SER B 21 -6.65 -7.71 -25.64
C SER B 21 -7.00 -9.20 -25.71
N SER B 22 -6.85 -9.90 -24.60
CA SER B 22 -7.26 -11.29 -24.51
C SER B 22 -8.78 -11.37 -24.45
N THR B 23 -9.32 -12.51 -24.87
CA THR B 23 -10.75 -12.71 -24.97
C THR B 23 -11.33 -13.31 -23.70
N VAL B 24 -12.65 -13.20 -23.55
CA VAL B 24 -13.35 -13.81 -22.44
C VAL B 24 -13.16 -15.33 -22.46
N PHE B 25 -13.04 -15.89 -23.65
CA PHE B 25 -12.86 -17.32 -23.80
C PHE B 25 -11.50 -17.73 -23.26
N GLU B 26 -10.47 -16.95 -23.60
CA GLU B 26 -9.13 -17.20 -23.12
C GLU B 26 -9.09 -17.14 -21.60
N LEU B 27 -9.92 -16.30 -21.01
CA LEU B 27 -10.02 -16.24 -19.54
C LEU B 27 -10.67 -17.53 -19.01
N LYS B 28 -11.65 -18.05 -19.74
CA LYS B 28 -12.25 -19.34 -19.40
C LYS B 28 -11.23 -20.46 -19.49
N ARG B 29 -10.23 -20.32 -20.38
CA ARG B 29 -9.14 -21.29 -20.43
C ARG B 29 -8.23 -21.19 -19.21
N ILE B 30 -8.00 -19.98 -18.72
CA ILE B 30 -7.23 -19.80 -17.49
C ILE B 30 -7.94 -20.56 -16.37
N VAL B 31 -9.26 -20.34 -16.26
CA VAL B 31 -10.09 -20.94 -15.20
C VAL B 31 -10.14 -22.46 -15.33
N GLU B 32 -10.04 -22.98 -16.55
CA GLU B 32 -10.07 -24.43 -16.79
C GLU B 32 -8.86 -25.12 -16.20
N GLY B 33 -7.72 -24.44 -16.25
CA GLY B 33 -6.47 -25.00 -15.70
C GLY B 33 -6.48 -25.07 -14.19
N ILE B 34 -7.10 -24.07 -13.58
CA ILE B 34 -7.28 -24.02 -12.15
C ILE B 34 -8.40 -24.94 -11.67
N LEU B 35 -9.62 -24.74 -12.16
CA LEU B 35 -10.79 -25.36 -11.55
C LEU B 35 -11.26 -26.64 -12.24
N LYS B 36 -10.68 -26.94 -13.40
CA LYS B 36 -10.88 -28.22 -14.08
C LYS B 36 -12.29 -28.40 -14.65
N ARG B 37 -12.85 -27.32 -15.17
CA ARG B 37 -14.11 -27.34 -15.92
C ARG B 37 -13.94 -26.63 -17.26
N PRO B 38 -14.29 -27.30 -18.37
CA PRO B 38 -14.11 -26.64 -19.66
C PRO B 38 -14.95 -25.36 -19.89
N PRO B 39 -14.51 -24.50 -20.83
CA PRO B 39 -15.15 -23.25 -21.22
C PRO B 39 -16.65 -23.31 -21.52
N ASP B 40 -17.06 -24.34 -22.26
CA ASP B 40 -18.49 -24.59 -22.52
C ASP B 40 -19.31 -24.87 -21.23
N GLU B 41 -18.61 -25.21 -20.13
CA GLU B 41 -19.25 -25.49 -18.86
C GLU B 41 -19.13 -24.32 -17.90
N GLN B 42 -18.81 -23.13 -18.42
CA GLN B 42 -18.74 -21.92 -17.61
C GLN B 42 -19.49 -20.75 -18.18
N ARG B 43 -20.09 -19.98 -17.28
CA ARG B 43 -20.55 -18.65 -17.62
C ARG B 43 -19.73 -17.63 -16.85
N LEU B 44 -19.21 -16.63 -17.55
CA LEU B 44 -18.54 -15.53 -16.91
C LEU B 44 -19.40 -14.27 -16.95
N TYR B 45 -19.38 -13.53 -15.85
CA TYR B 45 -20.29 -12.42 -15.64
C TYR B 45 -19.58 -11.15 -15.20
N LYS B 46 -20.00 -10.00 -15.72
CA LYS B 46 -19.59 -8.72 -15.17
C LYS B 46 -20.84 -8.14 -14.51
N ASP B 47 -20.85 -8.13 -13.18
CA ASP B 47 -22.04 -7.91 -12.39
C ASP B 47 -22.97 -9.04 -12.77
N ASP B 48 -24.21 -8.76 -13.19
CA ASP B 48 -25.11 -9.80 -13.61
C ASP B 48 -25.20 -9.98 -15.13
N GLN B 49 -24.30 -9.37 -15.87
CA GLN B 49 -24.31 -9.45 -17.32
C GLN B 49 -23.42 -10.58 -17.78
N LEU B 50 -24.02 -11.58 -18.40
CA LEU B 50 -23.26 -12.69 -18.97
C LEU B 50 -22.38 -12.13 -20.08
N LEU B 51 -21.11 -12.53 -20.10
CA LEU B 51 -20.16 -11.98 -21.07
C LEU B 51 -20.09 -12.81 -22.37
N ASP B 52 -19.65 -12.16 -23.43
CA ASP B 52 -19.45 -12.75 -24.75
C ASP B 52 -18.02 -13.33 -24.89
N ASP B 53 -17.93 -14.65 -25.01
CA ASP B 53 -16.68 -15.37 -25.23
C ASP B 53 -15.68 -14.73 -26.21
N GLY B 54 -16.20 -14.19 -27.31
CA GLY B 54 -15.36 -13.62 -28.35
C GLY B 54 -14.95 -12.18 -28.15
N LYS B 55 -15.46 -11.50 -27.14
CA LYS B 55 -15.06 -10.12 -26.88
C LYS B 55 -13.77 -10.04 -26.03
N THR B 56 -13.00 -8.98 -26.23
CA THR B 56 -11.83 -8.75 -25.41
C THR B 56 -12.28 -8.24 -24.05
N LEU B 57 -11.41 -8.37 -23.06
CA LEU B 57 -11.70 -7.91 -21.73
C LEU B 57 -11.83 -6.39 -21.67
N GLY B 58 -11.01 -5.69 -22.46
CA GLY B 58 -11.14 -4.23 -22.57
C GLY B 58 -12.48 -3.80 -23.16
N GLU B 59 -12.94 -4.50 -24.20
CA GLU B 59 -14.28 -4.34 -24.75
C GLU B 59 -15.40 -4.62 -23.72
N CYS B 60 -15.19 -5.53 -22.78
CA CYS B 60 -16.14 -5.73 -21.66
C CYS B 60 -16.00 -4.71 -20.52
N GLY B 61 -15.04 -3.79 -20.63
CA GLY B 61 -14.89 -2.72 -19.64
C GLY B 61 -13.79 -2.94 -18.60
N PHE B 62 -13.06 -4.04 -18.71
CA PHE B 62 -11.89 -4.28 -17.85
C PHE B 62 -10.61 -3.57 -18.38
N THR B 63 -10.14 -2.53 -17.69
CA THR B 63 -9.02 -1.72 -18.14
C THR B 63 -8.08 -1.32 -17.00
N SER B 64 -7.00 -0.62 -17.35
CA SER B 64 -6.05 -0.03 -16.39
C SER B 64 -6.66 0.73 -15.23
N GLN B 65 -7.74 1.45 -15.49
CA GLN B 65 -8.31 2.33 -14.49
C GLN B 65 -9.31 1.53 -13.61
N THR B 66 -9.75 0.41 -14.16
CA THR B 66 -10.88 -0.39 -13.68
C THR B 66 -10.47 -1.71 -13.02
N ALA B 67 -9.30 -2.24 -13.37
CA ALA B 67 -8.87 -3.56 -12.94
C ALA B 67 -7.37 -3.52 -12.59
N ARG B 68 -7.09 -2.92 -11.43
CA ARG B 68 -5.74 -2.60 -10.98
C ARG B 68 -5.25 -3.65 -9.99
N PRO B 69 -3.93 -3.83 -9.87
CA PRO B 69 -3.44 -4.85 -8.96
C PRO B 69 -3.97 -4.68 -7.54
N GLN B 70 -3.97 -3.43 -7.07
CA GLN B 70 -4.43 -3.12 -5.71
C GLN B 70 -5.97 -3.04 -5.57
N ALA B 71 -6.70 -3.06 -6.68
CA ALA B 71 -8.18 -2.96 -6.70
C ALA B 71 -8.73 -3.67 -7.95
N PRO B 72 -8.59 -4.99 -7.98
CA PRO B 72 -8.99 -5.80 -9.11
C PRO B 72 -10.48 -5.79 -9.37
N ALA B 73 -10.88 -6.05 -10.61
CA ALA B 73 -12.27 -6.10 -11.00
C ALA B 73 -12.78 -7.50 -10.75
N THR B 74 -14.01 -7.60 -10.28
CA THR B 74 -14.64 -8.90 -10.05
C THR B 74 -15.32 -9.41 -11.33
N VAL B 75 -15.04 -10.68 -11.66
CA VAL B 75 -15.74 -11.44 -12.70
C VAL B 75 -16.49 -12.59 -12.01
N GLY B 76 -17.81 -12.62 -12.14
CA GLY B 76 -18.60 -13.74 -11.62
C GLY B 76 -18.42 -15.01 -12.43
N LEU B 77 -18.65 -16.16 -11.81
CA LEU B 77 -18.57 -17.44 -12.50
C LEU B 77 -19.62 -18.42 -12.01
N ALA B 78 -20.29 -19.06 -12.98
CA ALA B 78 -21.26 -20.13 -12.75
C ALA B 78 -20.90 -21.37 -13.60
N PHE B 79 -21.02 -22.56 -13.01
CA PHE B 79 -20.85 -23.82 -13.76
C PHE B 79 -22.15 -24.45 -14.24
N ARG B 80 -22.02 -25.27 -15.27
CA ARG B 80 -23.14 -26.03 -15.79
C ARG B 80 -23.36 -27.28 -14.94
N ALA B 81 -24.59 -27.40 -14.42
CA ALA B 81 -25.08 -28.60 -13.71
C ALA B 81 -25.98 -29.47 -14.61
N ASP B 82 -25.40 -30.51 -15.22
CA ASP B 82 -26.09 -31.39 -16.20
C ASP B 82 -26.37 -30.61 -17.51
N ASP B 83 -27.62 -30.47 -17.94
CA ASP B 83 -27.91 -29.68 -19.15
C ASP B 83 -27.97 -28.15 -18.84
N THR B 84 -28.48 -27.83 -17.66
CA THR B 84 -28.74 -26.46 -17.23
C THR B 84 -27.57 -25.83 -16.44
N PHE B 85 -27.40 -24.50 -16.49
CA PHE B 85 -26.42 -23.78 -15.63
C PHE B 85 -26.97 -23.47 -14.23
N GLU B 86 -26.10 -23.53 -13.23
CA GLU B 86 -26.47 -23.07 -11.86
C GLU B 86 -26.62 -21.55 -11.84
N ALA B 87 -27.41 -21.02 -10.91
CA ALA B 87 -27.52 -19.56 -10.76
C ALA B 87 -26.17 -18.97 -10.33
N LEU B 88 -25.82 -17.81 -10.89
CA LEU B 88 -24.66 -17.07 -10.39
C LEU B 88 -24.88 -16.82 -8.90
N CYS B 89 -23.94 -17.28 -8.09
CA CYS B 89 -23.99 -17.06 -6.66
C CYS B 89 -22.59 -16.76 -6.14
N ILE B 90 -22.43 -15.61 -5.47
CA ILE B 90 -21.14 -15.27 -4.87
C ILE B 90 -21.34 -14.98 -3.40
N GLU B 91 -20.81 -15.85 -2.55
CA GLU B 91 -20.90 -15.66 -1.10
C GLU B 91 -20.05 -14.46 -0.70
N PRO B 92 -20.63 -13.46 -0.01
CA PRO B 92 -19.84 -12.24 0.31
C PRO B 92 -18.76 -12.49 1.35
N PHE B 93 -17.83 -11.55 1.49
CA PHE B 93 -16.80 -11.66 2.53
C PHE B 93 -17.39 -11.27 3.87
N SER B 94 -16.64 -11.55 4.93
CA SER B 94 -17.03 -11.20 6.29
C SER B 94 -17.10 -9.68 6.44
N SER B 95 -17.75 -9.21 7.51
CA SER B 95 -17.87 -7.77 7.77
C SER B 95 -16.90 -7.32 8.84
N PRO B 96 -16.27 -6.14 8.63
CA PRO B 96 -15.40 -5.64 9.68
C PRO B 96 -16.25 -5.14 10.81
N PRO B 97 -15.64 -4.96 12.00
CA PRO B 97 -16.34 -4.50 13.18
C PRO B 97 -16.47 -3.00 13.22
N GLU B 98 -17.22 -2.48 14.19
CA GLU B 98 -17.30 -1.04 14.38
C GLU B 98 -15.87 -0.46 14.56
N LEU B 99 -15.65 0.68 13.91
CA LEU B 99 -14.44 1.46 14.09
C LEU B 99 -14.35 1.91 15.57
N PRO B 100 -13.17 1.72 16.22
CA PRO B 100 -12.93 2.26 17.58
C PRO B 100 -13.09 3.75 17.61
N ASP B 101 -13.54 4.26 18.75
CA ASP B 101 -13.93 5.67 18.86
C ASP B 101 -12.72 6.55 18.64
N VAL B 102 -11.54 6.10 19.10
CA VAL B 102 -10.32 6.88 18.87
C VAL B 102 -9.98 7.02 17.37
N MET B 103 -10.57 6.15 16.53
CA MET B 103 -10.34 6.19 15.08
C MET B 103 -11.46 6.88 14.29
N LYS B 104 -12.42 7.50 14.95
CA LYS B 104 -13.50 8.20 14.24
C LYS B 104 -13.18 9.70 14.07
N PRO B 105 -13.75 10.34 13.01
CA PRO B 105 -13.81 11.83 12.97
C PRO B 105 -14.72 12.42 14.05
N MET C 2 2.28 -23.34 -9.50
CA MET C 2 1.78 -22.09 -10.19
C MET C 2 0.79 -21.34 -9.28
N TYR C 3 -0.19 -22.05 -8.74
CA TYR C 3 -1.20 -21.46 -7.87
C TYR C 3 -1.21 -22.14 -6.52
N VAL C 4 -1.59 -21.40 -5.48
CA VAL C 4 -1.78 -21.97 -4.15
C VAL C 4 -3.09 -21.48 -3.58
N LYS C 5 -3.63 -22.23 -2.61
CA LYS C 5 -4.93 -21.91 -2.03
C LYS C 5 -4.77 -21.46 -0.59
N LEU C 6 -5.21 -20.25 -0.27
CA LEU C 6 -5.16 -19.74 1.10
C LEU C 6 -6.58 -19.62 1.61
N ILE C 7 -6.90 -20.35 2.67
CA ILE C 7 -8.27 -20.46 3.17
C ILE C 7 -8.42 -19.61 4.44
N SER C 8 -9.41 -18.74 4.44
CA SER C 8 -9.63 -17.82 5.56
C SER C 8 -10.39 -18.54 6.68
N SER C 9 -10.52 -17.86 7.81
CA SER C 9 -11.21 -18.45 8.98
C SER C 9 -12.68 -18.74 8.71
N ASP C 10 -13.34 -17.90 7.91
CA ASP C 10 -14.76 -18.13 7.56
C ASP C 10 -14.99 -19.08 6.37
N GLY C 11 -13.93 -19.74 5.89
CA GLY C 11 -14.05 -20.77 4.86
C GLY C 11 -13.90 -20.32 3.41
N HIS C 12 -13.60 -19.05 3.22
CA HIS C 12 -13.40 -18.54 1.87
C HIS C 12 -12.06 -19.05 1.36
N GLU C 13 -12.00 -19.46 0.09
CA GLU C 13 -10.80 -20.03 -0.48
C GLU C 13 -10.25 -19.09 -1.53
N PHE C 14 -9.01 -18.63 -1.33
CA PHE C 14 -8.41 -17.70 -2.30
C PHE C 14 -7.27 -18.38 -3.08
N ILE C 15 -7.48 -18.51 -4.38
CA ILE C 15 -6.46 -19.05 -5.26
C ILE C 15 -5.61 -17.90 -5.78
N VAL C 16 -4.34 -17.90 -5.40
CA VAL C 16 -3.38 -16.90 -5.86
C VAL C 16 -2.12 -17.59 -6.43
N LYS C 17 -1.35 -16.86 -7.23
CA LYS C 17 -0.13 -17.44 -7.80
C LYS C 17 0.88 -17.68 -6.68
N ARG C 18 1.63 -18.77 -6.78
CA ARG C 18 2.62 -19.08 -5.75
C ARG C 18 3.64 -17.94 -5.63
N GLU C 19 4.18 -17.46 -6.75
CA GLU C 19 5.16 -16.38 -6.74
C GLU C 19 4.70 -15.19 -5.91
N HIS C 20 3.39 -14.88 -5.94
CA HIS C 20 2.84 -13.71 -5.26
C HIS C 20 2.65 -14.00 -3.79
N ALA C 21 2.23 -15.22 -3.48
CA ALA C 21 2.09 -15.64 -2.09
C ALA C 21 3.43 -15.71 -1.39
N LEU C 22 4.51 -15.96 -2.11
CA LEU C 22 5.86 -15.97 -1.50
C LEU C 22 6.32 -14.58 -1.03
N THR C 23 5.62 -13.52 -1.46
CA THR C 23 5.71 -12.21 -0.84
C THR C 23 5.58 -12.22 0.70
N SER C 24 4.80 -13.16 1.23
CA SER C 24 4.73 -13.36 2.67
C SER C 24 5.83 -14.30 3.14
N GLY C 25 6.63 -13.83 4.08
CA GLY C 25 7.67 -14.63 4.66
C GLY C 25 7.12 -15.80 5.44
N THR C 26 5.97 -15.61 6.06
CA THR C 26 5.37 -16.68 6.85
C THR C 26 4.94 -17.77 5.92
N ILE C 27 4.32 -17.37 4.80
CA ILE C 27 3.85 -18.34 3.81
C ILE C 27 5.02 -19.01 3.08
N LYS C 28 6.01 -18.22 2.68
CA LYS C 28 7.23 -18.75 2.05
C LYS C 28 7.87 -19.82 2.92
N ALA C 29 7.87 -19.59 4.23
CA ALA C 29 8.49 -20.52 5.19
C ALA C 29 7.65 -21.78 5.36
N MET C 30 6.32 -21.67 5.30
CA MET C 30 5.45 -22.83 5.52
C MET C 30 5.03 -23.59 4.25
N LEU C 31 5.71 -23.33 3.12
CA LEU C 31 5.56 -24.12 1.87
C LEU C 31 6.78 -25.01 1.50
N ASN C 43 0.35 -26.94 -1.55
CA ASN C 43 -0.84 -26.50 -2.30
C ASN C 43 -1.82 -25.63 -1.49
N GLU C 44 -2.10 -26.00 -0.23
CA GLU C 44 -3.12 -25.32 0.60
C GLU C 44 -2.57 -24.83 1.93
N VAL C 45 -3.03 -23.66 2.37
CA VAL C 45 -2.72 -23.12 3.69
C VAL C 45 -4.00 -22.60 4.36
N ASN C 46 -4.24 -23.05 5.60
CA ASN C 46 -5.42 -22.65 6.38
C ASN C 46 -5.07 -21.57 7.39
N PHE C 47 -5.85 -20.50 7.44
CA PHE C 47 -5.60 -19.39 8.34
C PHE C 47 -6.76 -19.27 9.31
N ARG C 48 -6.68 -19.94 10.45
CA ARG C 48 -7.86 -20.05 11.31
C ARG C 48 -8.15 -18.74 12.06
N GLU C 49 -7.24 -17.76 11.98
CA GLU C 49 -7.43 -16.49 12.69
C GLU C 49 -7.58 -15.27 11.76
N ILE C 50 -7.47 -15.46 10.45
CA ILE C 50 -7.65 -14.35 9.50
C ILE C 50 -8.93 -14.53 8.71
N PRO C 51 -9.88 -13.56 8.81
CA PRO C 51 -11.17 -13.68 8.11
C PRO C 51 -11.13 -13.15 6.67
N SER C 52 -12.16 -13.46 5.89
CA SER C 52 -12.10 -13.23 4.44
C SER C 52 -11.95 -11.74 4.04
N HIS C 53 -12.55 -10.82 4.79
CA HIS C 53 -12.43 -9.40 4.41
C HIS C 53 -11.00 -8.88 4.57
N VAL C 54 -10.21 -9.61 5.35
CA VAL C 54 -8.82 -9.25 5.54
C VAL C 54 -7.92 -10.00 4.54
N LEU C 55 -8.21 -11.29 4.29
CA LEU C 55 -7.33 -12.12 3.45
C LEU C 55 -7.45 -11.74 1.99
N SER C 56 -8.62 -11.28 1.60
CA SER C 56 -8.82 -10.87 0.23
C SER C 56 -7.91 -9.71 -0.05
N LYS C 57 -7.83 -8.82 0.95
CA LYS C 57 -7.05 -7.60 0.86
C LYS C 57 -5.57 -7.88 0.85
N VAL C 58 -5.15 -8.88 1.61
CA VAL C 58 -3.74 -9.30 1.64
C VAL C 58 -3.35 -9.79 0.26
N CYS C 59 -4.23 -10.58 -0.35
CA CYS C 59 -3.98 -11.05 -1.70
C CYS C 59 -3.78 -9.91 -2.70
N MET C 60 -4.60 -8.88 -2.60
CA MET C 60 -4.47 -7.71 -3.41
C MET C 60 -3.08 -7.06 -3.19
N TYR C 61 -2.60 -7.04 -1.94
CA TYR C 61 -1.26 -6.52 -1.67
C TYR C 61 -0.15 -7.32 -2.39
N PHE C 62 -0.27 -8.64 -2.37
CA PHE C 62 0.72 -9.50 -3.02
C PHE C 62 0.84 -9.19 -4.52
N THR C 63 -0.27 -8.87 -5.16
CA THR C 63 -0.24 -8.48 -6.56
C THR C 63 0.38 -7.09 -6.76
N TYR C 64 0.02 -6.16 -5.88
CA TYR C 64 0.60 -4.82 -5.87
C TYR C 64 2.10 -4.93 -5.61
N LYS C 65 2.49 -5.74 -4.63
CA LYS C 65 3.91 -5.82 -4.25
C LYS C 65 4.75 -6.33 -5.39
N VAL C 66 4.29 -7.40 -6.01
CA VAL C 66 5.03 -8.03 -7.09
C VAL C 66 5.02 -7.15 -8.33
N ARG C 67 3.90 -6.51 -8.65
CA ARG C 67 3.80 -5.75 -9.90
C ARG C 67 4.59 -4.43 -9.82
N TYR C 68 4.62 -3.82 -8.65
CA TYR C 68 5.33 -2.54 -8.48
C TYR C 68 6.76 -2.67 -7.90
N THR C 69 7.22 -3.91 -7.76
CA THR C 69 8.59 -4.18 -7.43
C THR C 69 9.39 -3.96 -8.72
N ASN C 70 10.53 -3.26 -8.63
CA ASN C 70 11.27 -2.80 -9.82
C ASN C 70 10.31 -2.08 -10.78
N SER C 71 9.66 -1.02 -10.30
CA SER C 71 8.59 -0.42 -11.05
C SER C 71 9.09 0.34 -12.28
N SER C 72 8.30 0.22 -13.34
CA SER C 72 8.47 0.98 -14.57
C SER C 72 7.79 2.35 -14.46
N THR C 73 7.05 2.55 -13.38
CA THR C 73 6.25 3.76 -13.20
C THR C 73 6.24 4.22 -11.74
N GLU C 74 5.79 5.43 -11.52
CA GLU C 74 5.48 5.94 -10.21
C GLU C 74 4.43 5.04 -9.65
N ILE C 75 4.58 4.69 -8.37
CA ILE C 75 3.79 3.66 -7.73
C ILE C 75 2.55 4.26 -7.07
N PRO C 76 1.37 3.68 -7.31
CA PRO C 76 0.16 4.25 -6.76
C PRO C 76 -0.05 3.84 -5.31
N GLU C 77 -1.08 4.40 -4.70
CA GLU C 77 -1.45 4.10 -3.32
C GLU C 77 -2.09 2.75 -3.24
N PHE C 78 -1.85 2.07 -2.14
CA PHE C 78 -2.60 0.88 -1.80
C PHE C 78 -3.78 1.37 -0.93
N PRO C 79 -5.01 1.30 -1.47
CA PRO C 79 -6.11 1.87 -0.67
C PRO C 79 -6.50 0.91 0.45
N ILE C 80 -6.50 1.42 1.69
CA ILE C 80 -7.02 0.68 2.84
C ILE C 80 -8.07 1.52 3.60
N ALA C 81 -9.25 0.94 3.80
CA ALA C 81 -10.30 1.63 4.56
C ALA C 81 -9.97 1.54 6.05
N PRO C 82 -10.22 2.61 6.82
CA PRO C 82 -9.91 2.57 8.27
C PRO C 82 -10.56 1.40 9.03
N GLU C 83 -11.71 0.96 8.53
CA GLU C 83 -12.52 -0.07 9.16
C GLU C 83 -11.82 -1.46 9.22
N ILE C 84 -10.94 -1.77 8.26
CA ILE C 84 -10.18 -3.04 8.31
C ILE C 84 -8.71 -2.85 8.71
N ALA C 85 -8.31 -1.59 8.93
CA ALA C 85 -6.90 -1.27 9.12
C ALA C 85 -6.22 -2.04 10.26
N LEU C 86 -6.85 -2.14 11.41
CA LEU C 86 -6.23 -2.81 12.54
C LEU C 86 -6.09 -4.31 12.36
N GLU C 87 -7.12 -4.97 11.83
CA GLU C 87 -6.98 -6.41 11.53
C GLU C 87 -5.91 -6.62 10.46
N LEU C 88 -5.86 -5.69 9.50
CA LEU C 88 -4.90 -5.81 8.39
C LEU C 88 -3.48 -5.60 8.88
N LEU C 89 -3.31 -4.73 9.87
CA LEU C 89 -2.01 -4.48 10.52
C LEU C 89 -1.47 -5.75 11.18
N MET C 90 -2.31 -6.40 11.98
CA MET C 90 -1.99 -7.66 12.64
C MET C 90 -1.82 -8.85 11.66
N ALA C 91 -2.56 -8.89 10.57
CA ALA C 91 -2.34 -9.97 9.62
C ALA C 91 -1.06 -9.72 8.82
N ALA C 92 -0.77 -8.46 8.55
CA ALA C 92 0.44 -8.12 7.82
C ALA C 92 1.59 -8.48 8.70
N ASN C 93 1.54 -8.06 9.95
CA ASN C 93 2.60 -8.43 10.88
C ASN C 93 2.76 -9.93 11.08
N PHE C 94 1.64 -10.64 11.18
CA PHE C 94 1.68 -12.10 11.31
C PHE C 94 2.20 -12.79 10.03
N LEU C 95 1.81 -12.28 8.85
CA LEU C 95 2.29 -12.83 7.58
C LEU C 95 3.70 -12.36 7.15
N ASP C 96 4.29 -11.38 7.84
CA ASP C 96 5.65 -10.87 7.55
C ASP C 96 5.70 -10.34 6.12
N CYS C 97 4.89 -9.32 5.90
CA CYS C 97 4.91 -8.59 4.65
C CYS C 97 4.32 -7.17 4.76
#